data_5NTB
#
_entry.id   5NTB
#
_cell.length_a   37.350
_cell.length_b   45.080
_cell.length_c   112.840
_cell.angle_alpha   90.00
_cell.angle_beta   90.00
_cell.angle_gamma   90.00
#
_symmetry.space_group_name_H-M   'P 21 21 21'
#
loop_
_entity.id
_entity.type
_entity.pdbx_description
1 polymer 'Papain inhibitor'
2 non-polymer 'SULFATE ION'
3 water water
#
_entity_poly.entity_id   1
_entity_poly.type   'polypeptide(L)'
_entity_poly.pdbx_seq_one_letter_code
;DIPIGQKMTGKMTYYTDKGYGACGTPIDASSQDLVAIPAAWWTTPNPNNDPLCRGVSVEVSYNGRTIRVPVRDKCPSCDR
THIDLSQAAFAKLAPLDRGVVNGITWKFVR
;
_entity_poly.pdbx_strand_id   A,B
#
loop_
_chem_comp.id
_chem_comp.type
_chem_comp.name
_chem_comp.formula
SO4 non-polymer 'SULFATE ION' 'O4 S -2'
#
# COMPACT_ATOMS: atom_id res chain seq x y z
N ASP A 1 5.04 -15.03 21.89
CA ASP A 1 6.37 -15.10 21.30
C ASP A 1 6.27 -15.31 19.79
N ILE A 2 7.41 -15.33 19.10
CA ILE A 2 7.45 -15.56 17.66
C ILE A 2 7.53 -17.07 17.44
N PRO A 3 6.49 -17.71 16.92
CA PRO A 3 6.52 -19.18 16.78
C PRO A 3 7.24 -19.64 15.51
N ILE A 4 8.58 -19.62 15.59
CA ILE A 4 9.40 -19.98 14.44
C ILE A 4 9.02 -21.37 13.95
N GLY A 5 8.83 -21.50 12.63
CA GLY A 5 8.58 -22.76 12.00
C GLY A 5 7.13 -23.21 11.97
N GLN A 6 6.23 -22.50 12.65
CA GLN A 6 4.84 -22.92 12.71
C GLN A 6 4.09 -22.37 11.51
N LYS A 7 3.59 -23.26 10.66
CA LYS A 7 2.88 -22.83 9.47
C LYS A 7 1.51 -22.32 9.85
N MET A 8 1.12 -21.21 9.25
CA MET A 8 -0.19 -20.62 9.45
C MET A 8 -0.88 -20.44 8.12
N THR A 9 -2.20 -20.61 8.12
CA THR A 9 -2.98 -20.31 6.94
C THR A 9 -3.48 -18.89 7.05
N GLY A 10 -3.39 -18.16 5.95
CA GLY A 10 -3.95 -16.83 5.99
C GLY A 10 -4.07 -16.24 4.61
N LYS A 11 -3.93 -14.93 4.54
CA LYS A 11 -4.12 -14.23 3.29
C LYS A 11 -2.96 -13.26 3.11
N MET A 12 -2.77 -12.85 1.87
CA MET A 12 -1.74 -11.87 1.57
C MET A 12 -2.32 -10.77 0.69
N THR A 13 -1.92 -9.56 1.01
CA THR A 13 -2.11 -8.40 0.17
C THR A 13 -0.73 -7.83 -0.10
N TYR A 14 -0.67 -6.71 -0.80
CA TYR A 14 0.63 -6.09 -1.03
C TYR A 14 0.53 -4.59 -0.88
N TYR A 15 1.69 -3.97 -0.67
CA TYR A 15 1.75 -2.52 -0.52
C TYR A 15 3.00 -1.98 -1.22
N THR A 16 3.04 -0.65 -1.36
CA THR A 16 4.05 0.01 -2.18
C THR A 16 4.74 1.17 -1.46
N ASP A 17 4.74 1.19 -0.13
CA ASP A 17 5.36 2.29 0.58
C ASP A 17 6.85 2.40 0.27
N LYS A 18 7.33 3.65 0.23
CA LYS A 18 8.75 3.95 0.15
C LYS A 18 9.06 4.93 1.27
N GLY A 19 9.98 4.56 2.15
CA GLY A 19 10.33 5.38 3.28
C GLY A 19 11.04 4.55 4.33
N TYR A 20 10.65 4.72 5.60
CA TYR A 20 11.15 3.88 6.67
C TYR A 20 10.02 3.00 7.18
N GLY A 21 10.30 1.71 7.33
CA GLY A 21 9.33 0.81 7.92
C GLY A 21 9.35 0.89 9.45
N ALA A 22 8.47 0.08 10.05
CA ALA A 22 8.37 0.09 11.51
C ALA A 22 9.64 -0.44 12.18
N CYS A 23 10.50 -1.12 11.43
CA CYS A 23 11.78 -1.51 11.99
C CYS A 23 12.77 -0.36 11.98
N GLY A 24 12.43 0.77 11.35
CA GLY A 24 13.33 1.90 11.33
C GLY A 24 14.38 1.84 10.24
N THR A 25 14.19 1.01 9.23
CA THR A 25 15.15 0.91 8.15
C THR A 25 14.51 1.35 6.84
N PRO A 26 15.31 1.80 5.88
CA PRO A 26 14.75 2.29 4.61
C PRO A 26 14.19 1.14 3.77
N ILE A 27 12.97 1.33 3.29
CA ILE A 27 12.30 0.31 2.48
C ILE A 27 11.75 0.97 1.22
N ASP A 28 11.69 0.17 0.16
CA ASP A 28 10.99 0.53 -1.07
C ASP A 28 10.23 -0.72 -1.47
N ALA A 29 8.94 -0.77 -1.11
CA ALA A 29 8.17 -1.98 -1.34
C ALA A 29 7.87 -2.23 -2.82
N SER A 30 8.08 -1.26 -3.69
CA SER A 30 7.92 -1.51 -5.11
C SER A 30 9.09 -2.26 -5.72
N SER A 31 10.26 -2.25 -5.06
CA SER A 31 11.45 -2.84 -5.64
C SER A 31 12.20 -3.78 -4.71
N GLN A 32 11.71 -4.04 -3.50
CA GLN A 32 12.42 -4.90 -2.57
C GLN A 32 11.48 -5.97 -2.04
N ASP A 33 12.01 -7.19 -1.86
CA ASP A 33 11.28 -8.26 -1.20
C ASP A 33 11.25 -8.01 0.31
N LEU A 34 10.05 -7.92 0.89
CA LEU A 34 9.91 -7.77 2.32
C LEU A 34 8.47 -8.05 2.70
N VAL A 35 8.21 -8.10 4.00
CA VAL A 35 6.85 -8.30 4.49
C VAL A 35 6.58 -7.34 5.64
N ALA A 36 5.33 -6.87 5.71
CA ALA A 36 4.78 -6.18 6.87
C ALA A 36 3.94 -7.17 7.66
N ILE A 37 4.28 -7.35 8.94
CA ILE A 37 3.70 -8.35 9.81
C ILE A 37 2.56 -7.75 10.63
N PRO A 38 1.43 -8.45 10.78
CA PRO A 38 0.30 -7.91 11.54
C PRO A 38 0.68 -7.48 12.95
N ALA A 39 -0.01 -6.42 13.42
CA ALA A 39 0.35 -5.78 14.68
C ALA A 39 0.27 -6.75 15.86
N ALA A 40 -0.56 -7.78 15.79
CA ALA A 40 -0.73 -8.67 16.93
C ALA A 40 0.54 -9.43 17.29
N TRP A 41 1.53 -9.46 16.41
CA TRP A 41 2.79 -10.14 16.69
C TRP A 41 3.85 -9.23 17.29
N TRP A 42 3.62 -7.93 17.31
CA TRP A 42 4.60 -6.98 17.82
C TRP A 42 4.48 -6.87 19.33
N THR A 43 5.63 -6.77 20.00
CA THR A 43 5.65 -6.87 21.47
C THR A 43 6.33 -5.70 22.15
N THR A 44 7.38 -5.15 21.57
CA THR A 44 8.10 -4.12 22.30
C THR A 44 7.39 -2.78 22.19
N PRO A 45 7.47 -1.93 23.22
CA PRO A 45 6.79 -0.64 23.12
C PRO A 45 7.41 0.28 22.10
N ASN A 46 8.66 0.03 21.72
CA ASN A 46 9.32 0.77 20.65
C ASN A 46 9.49 -0.16 19.46
N PRO A 47 8.80 0.07 18.33
CA PRO A 47 8.79 -0.95 17.26
C PRO A 47 10.16 -1.20 16.65
N ASN A 48 11.05 -0.21 16.64
CA ASN A 48 12.38 -0.44 16.07
C ASN A 48 13.18 -1.44 16.88
N ASN A 49 12.77 -1.69 18.12
CA ASN A 49 13.43 -2.63 19.02
C ASN A 49 12.73 -3.98 19.06
N ASP A 50 11.78 -4.23 18.17
CA ASP A 50 11.04 -5.47 18.25
C ASP A 50 11.91 -6.64 17.78
N PRO A 51 11.82 -7.80 18.43
CA PRO A 51 12.57 -8.96 17.93
C PRO A 51 12.19 -9.35 16.51
N LEU A 52 11.00 -8.96 16.03
CA LEU A 52 10.65 -9.19 14.63
C LEU A 52 11.61 -8.53 13.66
N CYS A 53 12.35 -7.52 14.12
CA CYS A 53 13.25 -6.77 13.27
C CYS A 53 14.66 -7.33 13.24
N ARG A 54 14.94 -8.39 13.97
CA ARG A 54 16.32 -8.87 14.14
C ARG A 54 16.44 -10.30 13.60
N GLY A 55 16.69 -10.41 12.30
CA GLY A 55 16.98 -11.70 11.70
C GLY A 55 15.77 -12.57 11.45
N VAL A 56 14.57 -12.01 11.46
CA VAL A 56 13.36 -12.78 11.22
C VAL A 56 12.89 -12.55 9.79
N SER A 57 12.58 -13.63 9.10
CA SER A 57 11.98 -13.62 7.78
C SER A 57 10.68 -14.40 7.82
N VAL A 58 10.00 -14.46 6.69
N VAL A 58 9.96 -14.38 6.72
CA VAL A 58 8.79 -15.25 6.53
CA VAL A 58 8.87 -15.32 6.55
C VAL A 58 8.88 -16.04 5.23
C VAL A 58 9.14 -16.13 5.30
N GLU A 59 8.61 -17.35 5.31
CA GLU A 59 8.51 -18.17 4.12
C GLU A 59 7.03 -18.22 3.77
N VAL A 60 6.70 -17.81 2.55
CA VAL A 60 5.32 -17.68 2.10
C VAL A 60 5.13 -18.64 0.93
N SER A 61 4.08 -19.45 1.02
CA SER A 61 3.79 -20.46 0.00
C SER A 61 2.42 -20.20 -0.58
N TYR A 62 2.34 -20.21 -1.90
CA TYR A 62 1.07 -20.14 -2.59
C TYR A 62 1.21 -20.87 -3.90
N ASN A 63 0.24 -21.72 -4.22
CA ASN A 63 0.16 -22.33 -5.53
C ASN A 63 1.43 -23.10 -5.87
N GLY A 64 2.03 -23.73 -4.86
CA GLY A 64 3.19 -24.57 -5.06
C GLY A 64 4.53 -23.87 -5.13
N ARG A 65 4.56 -22.54 -4.95
CA ARG A 65 5.79 -21.79 -4.93
C ARG A 65 6.01 -21.21 -3.55
N THR A 66 7.26 -21.18 -3.11
N THR A 66 7.28 -21.18 -3.12
CA THR A 66 7.61 -20.61 -1.82
CA THR A 66 7.67 -20.64 -1.83
C THR A 66 8.73 -19.59 -2.01
C THR A 66 8.73 -19.56 -2.04
N ILE A 67 8.56 -18.42 -1.37
CA ILE A 67 9.59 -17.39 -1.33
C ILE A 67 9.90 -17.09 0.13
N ARG A 68 11.06 -16.46 0.36
N ARG A 68 11.07 -16.50 0.36
CA ARG A 68 11.52 -16.12 1.69
CA ARG A 68 11.51 -16.11 1.70
C ARG A 68 11.89 -14.65 1.70
C ARG A 68 11.85 -14.64 1.67
N VAL A 69 11.24 -13.87 2.56
CA VAL A 69 11.46 -12.42 2.56
C VAL A 69 11.63 -11.93 3.99
N PRO A 70 12.41 -10.87 4.18
CA PRO A 70 12.63 -10.34 5.53
C PRO A 70 11.44 -9.56 6.07
N VAL A 71 11.24 -9.68 7.38
CA VAL A 71 10.31 -8.79 8.09
C VAL A 71 10.95 -7.41 8.20
N ARG A 72 10.29 -6.40 7.66
CA ARG A 72 10.81 -5.04 7.71
C ARG A 72 9.79 -4.02 8.17
N ASP A 73 8.54 -4.42 8.42
CA ASP A 73 7.51 -3.43 8.64
C ASP A 73 6.37 -4.07 9.41
N LYS A 74 5.46 -3.22 9.88
CA LYS A 74 4.29 -3.59 10.64
C LYS A 74 3.05 -3.24 9.84
N CYS A 75 2.05 -4.11 9.87
CA CYS A 75 0.76 -3.86 9.23
C CYS A 75 -0.27 -3.63 10.34
N PRO A 76 -0.60 -2.38 10.68
CA PRO A 76 -1.54 -2.15 11.79
C PRO A 76 -2.94 -2.64 11.50
N SER A 77 -3.37 -2.69 10.25
CA SER A 77 -4.74 -3.05 9.93
C SER A 77 -4.91 -4.53 9.61
N CYS A 78 -3.83 -5.29 9.61
CA CYS A 78 -3.90 -6.71 9.26
C CYS A 78 -4.33 -7.53 10.45
N ASP A 79 -5.26 -8.47 10.21
N ASP A 79 -5.23 -8.48 10.21
CA ASP A 79 -5.55 -9.46 11.25
CA ASP A 79 -5.54 -9.44 11.23
C ASP A 79 -4.39 -10.45 11.35
C ASP A 79 -4.41 -10.48 11.33
N ARG A 80 -4.51 -11.32 12.35
CA ARG A 80 -3.39 -12.14 12.82
C ARG A 80 -2.63 -12.91 11.73
N THR A 81 -3.34 -13.49 10.76
CA THR A 81 -2.64 -14.29 9.75
C THR A 81 -2.63 -13.62 8.39
N HIS A 82 -2.97 -12.35 8.32
CA HIS A 82 -2.95 -11.58 7.08
C HIS A 82 -1.61 -10.85 6.98
N ILE A 83 -0.77 -11.23 6.00
CA ILE A 83 0.50 -10.54 5.79
C ILE A 83 0.36 -9.58 4.62
N ASP A 84 1.09 -8.48 4.70
CA ASP A 84 1.12 -7.45 3.67
C ASP A 84 2.52 -7.51 3.07
N LEU A 85 2.66 -8.21 1.95
CA LEU A 85 3.94 -8.32 1.28
C LEU A 85 4.25 -7.04 0.53
N SER A 86 5.52 -6.79 0.32
CA SER A 86 5.85 -5.78 -0.68
C SER A 86 5.24 -6.18 -2.03
N GLN A 87 4.91 -5.16 -2.82
CA GLN A 87 4.48 -5.40 -4.20
C GLN A 87 5.47 -6.30 -4.93
N ALA A 88 6.76 -6.06 -4.73
CA ALA A 88 7.79 -6.83 -5.42
C ALA A 88 7.73 -8.30 -5.03
N ALA A 89 7.53 -8.59 -3.74
CA ALA A 89 7.47 -10.00 -3.32
C ALA A 89 6.17 -10.65 -3.77
N PHE A 90 5.05 -9.94 -3.62
CA PHE A 90 3.74 -10.50 -3.97
C PHE A 90 3.72 -10.97 -5.42
N ALA A 91 4.31 -10.17 -6.32
CA ALA A 91 4.29 -10.47 -7.74
C ALA A 91 5.02 -11.77 -8.08
N LYS A 92 5.90 -12.22 -7.19
CA LYS A 92 6.60 -13.47 -7.41
C LYS A 92 5.72 -14.68 -7.14
N LEU A 93 4.62 -14.49 -6.42
CA LEU A 93 3.69 -15.56 -6.08
C LEU A 93 2.37 -15.49 -6.83
N ALA A 94 1.90 -14.29 -7.17
CA ALA A 94 0.56 -14.14 -7.71
C ALA A 94 0.49 -12.87 -8.54
N PRO A 95 -0.44 -12.78 -9.50
N PRO A 95 -0.41 -12.79 -9.53
CA PRO A 95 -0.55 -11.56 -10.29
CA PRO A 95 -0.53 -11.57 -10.31
C PRO A 95 -1.00 -10.38 -9.43
C PRO A 95 -0.99 -10.39 -9.46
N LEU A 96 -0.37 -9.23 -9.68
CA LEU A 96 -0.70 -8.04 -8.91
C LEU A 96 -2.16 -7.64 -9.11
N ASP A 97 -2.74 -7.93 -10.26
CA ASP A 97 -4.09 -7.47 -10.49
C ASP A 97 -5.13 -8.32 -9.76
N ARG A 98 -4.69 -9.39 -9.07
CA ARG A 98 -5.60 -10.14 -8.21
C ARG A 98 -5.92 -9.39 -6.93
N GLY A 99 -4.95 -8.64 -6.39
CA GLY A 99 -5.16 -7.76 -5.26
C GLY A 99 -5.02 -8.40 -3.89
N VAL A 100 -5.83 -9.42 -3.61
CA VAL A 100 -5.77 -10.15 -2.35
C VAL A 100 -5.90 -11.63 -2.66
N VAL A 101 -5.05 -12.42 -2.02
CA VAL A 101 -5.06 -13.87 -2.20
C VAL A 101 -5.33 -14.51 -0.85
N ASN A 102 -6.45 -15.21 -0.74
CA ASN A 102 -6.71 -16.01 0.43
C ASN A 102 -6.09 -17.39 0.26
N GLY A 103 -5.92 -18.07 1.38
CA GLY A 103 -5.43 -19.43 1.32
C GLY A 103 -3.96 -19.58 1.01
N ILE A 104 -3.13 -18.64 1.48
CA ILE A 104 -1.70 -18.84 1.44
C ILE A 104 -1.29 -19.51 2.76
N THR A 105 -0.07 -20.00 2.80
N THR A 105 -0.06 -20.01 2.80
CA THR A 105 0.51 -20.47 4.03
CA THR A 105 0.54 -20.52 4.02
C THR A 105 1.79 -19.68 4.26
C THR A 105 1.85 -19.78 4.28
N TRP A 106 2.08 -19.39 5.52
CA TRP A 106 3.31 -18.68 5.83
C TRP A 106 3.79 -19.07 7.21
N LYS A 107 5.08 -18.84 7.44
CA LYS A 107 5.66 -19.11 8.75
C LYS A 107 6.82 -18.15 8.95
N PHE A 108 7.02 -17.77 10.20
CA PHE A 108 8.24 -17.09 10.60
C PHE A 108 9.43 -18.04 10.54
N VAL A 109 10.56 -17.55 10.05
CA VAL A 109 11.80 -18.33 10.02
C VAL A 109 12.97 -17.47 10.46
N ARG A 110 14.08 -18.14 10.80
CA ARG A 110 15.33 -17.46 11.09
C ARG A 110 16.45 -17.95 10.19
N ASP B 1 -2.85 27.66 -1.64
CA ASP B 1 -4.12 26.97 -1.55
C ASP B 1 -4.25 25.91 -2.65
N ILE B 2 -5.20 24.99 -2.48
CA ILE B 2 -5.46 23.92 -3.44
C ILE B 2 -5.93 24.52 -4.76
N PRO B 3 -5.19 24.31 -5.86
CA PRO B 3 -5.54 24.99 -7.14
C PRO B 3 -6.65 24.31 -7.91
N ILE B 4 -7.89 24.58 -7.48
CA ILE B 4 -9.06 23.96 -8.08
C ILE B 4 -9.11 24.26 -9.57
N GLY B 5 -9.34 23.22 -10.37
CA GLY B 5 -9.54 23.38 -11.80
C GLY B 5 -8.27 23.45 -12.62
N GLN B 6 -7.11 23.58 -11.99
CA GLN B 6 -5.86 23.69 -12.71
C GLN B 6 -5.42 22.31 -13.19
N LYS B 7 -5.33 22.15 -14.51
CA LYS B 7 -4.95 20.85 -15.05
C LYS B 7 -3.48 20.57 -14.79
N MET B 8 -3.20 19.41 -14.22
CA MET B 8 -1.85 18.91 -13.94
C MET B 8 -1.59 17.72 -14.85
N THR B 9 -0.32 17.48 -15.16
CA THR B 9 0.03 16.22 -15.82
C THR B 9 1.08 15.50 -15.00
N GLY B 10 1.02 14.18 -15.05
CA GLY B 10 1.91 13.37 -14.25
C GLY B 10 1.61 11.92 -14.48
N LYS B 11 2.03 11.09 -13.54
CA LYS B 11 1.79 9.67 -13.69
C LYS B 11 0.76 9.21 -12.68
N MET B 12 0.11 8.10 -13.01
CA MET B 12 -0.81 7.47 -12.08
C MET B 12 -0.37 6.04 -11.83
N THR B 13 -0.42 5.65 -10.56
CA THR B 13 -0.27 4.27 -10.14
C THR B 13 -1.51 3.94 -9.32
N TYR B 14 -1.54 2.75 -8.72
CA TYR B 14 -2.64 2.44 -7.83
C TYR B 14 -2.14 1.71 -6.59
N TYR B 15 -2.97 1.74 -5.55
CA TYR B 15 -2.66 1.02 -4.32
C TYR B 15 -3.91 0.37 -3.77
N THR B 16 -3.72 -0.49 -2.77
CA THR B 16 -4.76 -1.41 -2.33
C THR B 16 -5.01 -1.34 -0.84
N ASP B 17 -4.38 -0.40 -0.13
CA ASP B 17 -4.40 -0.38 1.33
C ASP B 17 -5.81 -0.39 1.88
N LYS B 18 -6.00 -1.18 2.92
CA LYS B 18 -7.18 -1.14 3.77
C LYS B 18 -6.72 -0.81 5.18
N GLY B 19 -7.26 0.23 5.76
CA GLY B 19 -6.83 0.74 7.05
C GLY B 19 -7.29 2.17 7.18
N TYR B 20 -6.53 2.96 7.93
CA TYR B 20 -6.81 4.37 8.08
C TYR B 20 -5.89 5.17 7.18
N GLY B 21 -6.48 6.10 6.42
CA GLY B 21 -5.69 7.01 5.60
C GLY B 21 -5.27 8.24 6.36
N ALA B 22 -4.53 9.10 5.67
CA ALA B 22 -4.01 10.31 6.29
C ALA B 22 -5.11 11.25 6.76
N CYS B 23 -6.32 11.10 6.25
CA CYS B 23 -7.42 11.94 6.67
C CYS B 23 -8.06 11.44 7.97
N GLY B 24 -7.59 10.33 8.51
CA GLY B 24 -8.11 9.81 9.76
C GLY B 24 -9.36 8.98 9.60
N THR B 25 -9.69 8.56 8.39
CA THR B 25 -10.89 7.78 8.15
C THR B 25 -10.52 6.41 7.62
N PRO B 26 -11.35 5.40 7.88
CA PRO B 26 -11.08 4.07 7.33
C PRO B 26 -11.30 4.07 5.82
N ILE B 27 -10.35 3.48 5.10
CA ILE B 27 -10.41 3.37 3.66
C ILE B 27 -10.20 1.92 3.27
N ASP B 28 -10.68 1.58 2.09
CA ASP B 28 -10.35 0.30 1.46
C ASP B 28 -10.06 0.64 0.00
N ALA B 29 -8.77 0.88 -0.29
CA ALA B 29 -8.41 1.24 -1.66
C ALA B 29 -8.52 0.08 -2.63
N SER B 30 -8.71 -1.15 -2.15
CA SER B 30 -8.98 -2.24 -3.09
C SER B 30 -10.37 -2.12 -3.70
N SER B 31 -11.32 -1.49 -3.01
CA SER B 31 -12.70 -1.53 -3.49
C SER B 31 -13.34 -0.15 -3.67
N GLN B 32 -12.88 0.85 -2.91
CA GLN B 32 -13.48 2.17 -2.98
C GLN B 32 -12.78 3.05 -4.00
N ASP B 33 -13.52 3.97 -4.61
CA ASP B 33 -12.95 4.97 -5.49
C ASP B 33 -12.37 6.11 -4.66
N LEU B 34 -11.06 6.31 -4.72
CA LEU B 34 -10.43 7.40 -3.97
C LEU B 34 -9.06 7.65 -4.56
N VAL B 35 -8.41 8.72 -4.09
CA VAL B 35 -7.05 9.00 -4.49
C VAL B 35 -6.23 9.37 -3.26
N ALA B 36 -4.96 8.98 -3.31
CA ALA B 36 -3.93 9.45 -2.38
C ALA B 36 -3.13 10.53 -3.09
N ILE B 37 -3.09 11.71 -2.48
CA ILE B 37 -2.50 12.90 -3.09
C ILE B 37 -1.06 13.05 -2.62
N PRO B 38 -0.14 13.39 -3.52
CA PRO B 38 1.27 13.53 -3.15
C PRO B 38 1.50 14.53 -2.04
N ALA B 39 2.54 14.25 -1.26
CA ALA B 39 2.85 14.97 -0.04
C ALA B 39 2.98 16.48 -0.25
N ALA B 40 3.45 16.92 -1.43
CA ALA B 40 3.71 18.34 -1.66
C ALA B 40 2.49 19.21 -1.42
N TRP B 41 1.28 18.64 -1.56
CA TRP B 41 0.07 19.46 -1.48
C TRP B 41 -0.46 19.61 -0.07
N TRP B 42 0.08 18.86 0.88
CA TRP B 42 -0.39 18.86 2.26
C TRP B 42 0.29 19.98 3.04
N THR B 43 -0.50 20.65 3.89
CA THR B 43 -0.03 21.89 4.52
C THR B 43 -0.14 21.89 6.03
N THR B 44 -1.06 21.11 6.60
CA THR B 44 -1.22 21.23 8.05
C THR B 44 -0.34 20.24 8.80
N PRO B 45 0.17 20.60 9.98
CA PRO B 45 1.00 19.65 10.74
C PRO B 45 0.27 18.35 11.03
N ASN B 46 -1.02 18.42 11.31
CA ASN B 46 -1.85 17.25 11.54
C ASN B 46 -2.56 16.92 10.24
N PRO B 47 -2.22 15.82 9.56
CA PRO B 47 -2.84 15.56 8.25
C PRO B 47 -4.35 15.36 8.34
N ASN B 48 -4.86 14.95 9.51
CA ASN B 48 -6.30 14.78 9.65
C ASN B 48 -7.05 16.10 9.49
N ASN B 49 -6.36 17.22 9.68
CA ASN B 49 -6.96 18.54 9.61
C ASN B 49 -6.63 19.26 8.31
N ASP B 50 -6.11 18.54 7.31
CA ASP B 50 -5.70 19.23 6.09
C ASP B 50 -6.91 19.63 5.26
N PRO B 51 -6.89 20.80 4.60
CA PRO B 51 -7.98 21.14 3.68
C PRO B 51 -8.21 20.11 2.60
N LEU B 52 -7.20 19.30 2.26
CA LEU B 52 -7.39 18.25 1.27
C LEU B 52 -8.41 17.21 1.71
N CYS B 53 -8.69 17.10 3.01
CA CYS B 53 -9.62 16.12 3.52
C CYS B 53 -11.08 16.59 3.49
N ARG B 54 -11.33 17.83 3.08
CA ARG B 54 -12.65 18.46 3.18
C ARG B 54 -13.21 18.81 1.81
N GLY B 55 -13.96 17.88 1.22
CA GLY B 55 -14.71 18.19 0.02
C GLY B 55 -13.90 18.30 -1.25
N VAL B 56 -12.68 17.76 -1.28
CA VAL B 56 -11.82 17.84 -2.45
C VAL B 56 -11.79 16.49 -3.13
N SER B 57 -11.90 16.52 -4.46
CA SER B 57 -11.81 15.36 -5.31
C SER B 57 -10.78 15.64 -6.38
N VAL B 58 -10.48 14.63 -7.18
CA VAL B 58 -9.72 14.83 -8.40
C VAL B 58 -10.51 14.26 -9.56
N GLU B 59 -10.35 14.88 -10.73
CA GLU B 59 -10.78 14.29 -11.98
C GLU B 59 -9.53 13.86 -12.74
N VAL B 60 -9.53 12.61 -13.20
CA VAL B 60 -8.39 12.01 -13.88
C VAL B 60 -8.86 11.57 -15.26
N SER B 61 -8.10 11.93 -16.29
CA SER B 61 -8.47 11.62 -17.67
C SER B 61 -7.41 10.77 -18.33
N TYR B 62 -7.84 9.65 -18.93
CA TYR B 62 -6.93 8.80 -19.68
C TYR B 62 -7.70 8.01 -20.72
N ASN B 63 -7.19 8.00 -21.95
CA ASN B 63 -7.73 7.15 -23.02
C ASN B 63 -9.22 7.42 -23.25
N GLY B 64 -9.62 8.68 -23.15
CA GLY B 64 -10.98 9.07 -23.44
C GLY B 64 -11.98 8.90 -22.32
N ARG B 65 -11.54 8.50 -21.13
CA ARG B 65 -12.40 8.35 -19.97
C ARG B 65 -11.96 9.32 -18.89
N THR B 66 -12.92 9.84 -18.14
CA THR B 66 -12.64 10.70 -16.98
C THR B 66 -13.38 10.14 -15.78
N ILE B 67 -12.66 10.00 -14.67
CA ILE B 67 -13.25 9.62 -13.40
C ILE B 67 -13.14 10.80 -12.44
N ARG B 68 -13.98 10.78 -11.41
CA ARG B 68 -13.95 11.79 -10.37
C ARG B 68 -14.01 11.08 -9.04
N VAL B 69 -12.97 11.23 -8.22
CA VAL B 69 -12.87 10.44 -6.99
C VAL B 69 -12.38 11.32 -5.85
N PRO B 70 -12.81 11.02 -4.63
CA PRO B 70 -12.42 11.87 -3.49
C PRO B 70 -11.00 11.65 -3.02
N VAL B 71 -10.41 12.75 -2.53
CA VAL B 71 -9.13 12.68 -1.83
C VAL B 71 -9.39 12.09 -0.44
N ARG B 72 -8.70 10.99 -0.12
CA ARG B 72 -8.89 10.36 1.17
C ARG B 72 -7.58 9.97 1.85
N ASP B 73 -6.44 10.25 1.23
CA ASP B 73 -5.18 9.73 1.73
C ASP B 73 -4.04 10.55 1.16
N LYS B 74 -2.86 10.39 1.73
CA LYS B 74 -1.63 11.00 1.28
C LYS B 74 -0.71 9.93 0.72
N CYS B 75 0.02 10.26 -0.34
CA CYS B 75 1.11 9.43 -0.85
C CYS B 75 2.42 10.10 -0.45
N PRO B 76 3.08 9.64 0.60
CA PRO B 76 4.27 10.35 1.09
C PRO B 76 5.41 10.40 0.10
N SER B 77 5.58 9.37 -0.74
CA SER B 77 6.77 9.30 -1.59
C SER B 77 6.53 9.78 -3.01
N CYS B 78 5.29 10.05 -3.38
CA CYS B 78 4.97 10.46 -4.74
C CYS B 78 5.51 11.86 -5.04
N ASP B 79 6.07 12.04 -6.23
N ASP B 79 6.03 12.02 -6.25
CA ASP B 79 6.36 13.39 -6.65
CA ASP B 79 6.29 13.32 -6.86
C ASP B 79 5.04 14.17 -6.81
C ASP B 79 5.01 14.16 -6.89
N ARG B 80 5.17 15.48 -6.96
CA ARG B 80 4.03 16.37 -6.81
C ARG B 80 2.89 16.14 -7.81
N THR B 81 3.15 15.57 -8.98
CA THR B 81 2.05 15.31 -9.91
C THR B 81 1.78 13.83 -10.10
N HIS B 82 2.35 12.98 -9.25
CA HIS B 82 2.13 11.53 -9.33
C HIS B 82 1.02 11.17 -8.35
N ILE B 83 -0.15 10.81 -8.88
CA ILE B 83 -1.27 10.43 -8.02
C ILE B 83 -1.32 8.93 -7.85
N ASP B 84 -1.68 8.50 -6.64
CA ASP B 84 -1.83 7.08 -6.33
C ASP B 84 -3.33 6.83 -6.21
N LEU B 85 -3.94 6.34 -7.29
CA LEU B 85 -5.36 6.04 -7.27
C LEU B 85 -5.62 4.76 -6.48
N SER B 86 -6.83 4.63 -5.96
CA SER B 86 -7.24 3.33 -5.47
C SER B 86 -7.29 2.34 -6.63
N GLN B 87 -7.14 1.06 -6.28
CA GLN B 87 -7.29 -0.01 -7.27
C GLN B 87 -8.61 0.12 -8.03
N ALA B 88 -9.70 0.38 -7.31
CA ALA B 88 -10.99 0.44 -7.97
C ALA B 88 -11.06 1.63 -8.92
N ALA B 89 -10.46 2.75 -8.55
CA ALA B 89 -10.49 3.93 -9.44
C ALA B 89 -9.61 3.72 -10.67
N PHE B 90 -8.39 3.21 -10.47
CA PHE B 90 -7.49 2.96 -11.59
C PHE B 90 -8.11 2.03 -12.61
N ALA B 91 -8.80 0.98 -12.13
CA ALA B 91 -9.40 -0.01 -13.03
C ALA B 91 -10.44 0.61 -13.95
N LYS B 92 -11.06 1.71 -13.53
CA LYS B 92 -12.02 2.35 -14.42
C LYS B 92 -11.34 3.00 -15.62
N LEU B 93 -10.05 3.33 -15.49
CA LEU B 93 -9.28 3.96 -16.56
C LEU B 93 -8.44 2.98 -17.36
N ALA B 94 -7.95 1.90 -16.75
CA ALA B 94 -7.03 1.02 -17.43
C ALA B 94 -7.05 -0.33 -16.73
N PRO B 95 -6.76 -1.42 -17.43
CA PRO B 95 -6.57 -2.69 -16.72
C PRO B 95 -5.49 -2.55 -15.66
N LEU B 96 -5.74 -3.17 -14.50
CA LEU B 96 -4.77 -3.09 -13.41
C LEU B 96 -3.41 -3.62 -13.83
N ASP B 97 -3.39 -4.59 -14.76
CA ASP B 97 -2.14 -5.13 -15.28
C ASP B 97 -1.20 -4.05 -15.81
N ARG B 98 -1.74 -2.90 -16.23
CA ARG B 98 -0.89 -1.80 -16.69
C ARG B 98 0.09 -1.35 -15.61
N GLY B 99 -0.38 -1.28 -14.36
CA GLY B 99 0.46 -0.88 -13.24
C GLY B 99 0.68 0.61 -13.10
N VAL B 100 1.18 1.24 -14.16
CA VAL B 100 1.54 2.66 -14.16
C VAL B 100 1.21 3.22 -15.54
N VAL B 101 0.71 4.44 -15.57
CA VAL B 101 0.51 5.16 -16.82
C VAL B 101 1.13 6.55 -16.66
N ASN B 102 2.06 6.89 -17.53
CA ASN B 102 2.71 8.18 -17.48
C ASN B 102 1.99 9.16 -18.41
N GLY B 103 2.16 10.45 -18.12
CA GLY B 103 1.58 11.49 -18.95
C GLY B 103 0.07 11.58 -18.91
N ILE B 104 -0.56 11.24 -17.78
CA ILE B 104 -2.01 11.42 -17.68
C ILE B 104 -2.29 12.85 -17.21
N THR B 105 -3.56 13.23 -17.18
CA THR B 105 -4.00 14.54 -16.74
C THR B 105 -4.91 14.41 -15.54
N TRP B 106 -4.71 15.28 -14.55
CA TRP B 106 -5.61 15.29 -13.41
C TRP B 106 -5.75 16.72 -12.90
N LYS B 107 -6.82 16.93 -12.16
CA LYS B 107 -7.04 18.24 -11.54
C LYS B 107 -7.84 18.05 -10.27
N PHE B 108 -7.59 18.96 -9.31
CA PHE B 108 -8.43 19.06 -8.12
C PHE B 108 -9.76 19.67 -8.50
N VAL B 109 -10.84 19.12 -7.96
CA VAL B 109 -12.17 19.71 -8.12
C VAL B 109 -12.89 19.72 -6.77
N ARG B 110 -13.89 20.59 -6.67
CA ARG B 110 -14.72 20.62 -5.47
C ARG B 110 -16.06 19.98 -5.75
S SO4 C . -2.98 -20.83 13.91
O1 SO4 C . -2.85 -22.23 13.53
O2 SO4 C . -4.35 -20.61 14.36
O3 SO4 C . -2.06 -20.49 14.98
O4 SO4 C . -2.75 -19.95 12.76
S SO4 D . -8.22 -8.49 7.53
O1 SO4 D . -8.54 -9.89 7.28
O2 SO4 D . -8.48 -7.70 6.32
O3 SO4 D . -6.81 -8.37 7.92
O4 SO4 D . -9.05 -8.00 8.62
S SO4 E . 7.79 9.14 -8.46
O1 SO4 E . 7.89 7.73 -8.09
O2 SO4 E . 7.59 9.24 -9.91
O3 SO4 E . 9.01 9.84 -8.07
O4 SO4 E . 6.65 9.75 -7.77
#